data_4IXL
#
_entry.id   4IXL
#
_cell.length_a   59.415
_cell.length_b   59.415
_cell.length_c   153.736
_cell.angle_alpha   90.00
_cell.angle_beta   90.00
_cell.angle_gamma   90.00
#
_symmetry.space_group_name_H-M   'P 43'
#
loop_
_entity.id
_entity.type
_entity.pdbx_description
1 polymer xylanase
2 non-polymer 'SULFATE ION'
3 water water
#
_entity_poly.entity_id   1
_entity_poly.type   'polypeptide(L)'
_entity_poly.pdbx_seq_one_letter_code
;MGSSHHHHHHSSGLVFRGSHMASMTGGQQMGRGSQITGNEIGTHDGYDYEFWKDEGGYGSMTLNSGGTFSAEWTDVHNIL
FRKGQKFDTTQTHQQLGNINIDYGVNYQPNGSSYLAVYGWTTDPLVEFYIVDSWGTWRPPGAESKGTIHVDGGTYEIYET
TRVQQPSIEGTATFQQYWSVRTDKRTSGTISVSEHFHAWEAHGMPMGNMYEVALTVEGWQSSGSADVYRNNLTIGGLEHH
HHHH
;
_entity_poly.pdbx_strand_id   A,B
#
# COMPACT_ATOMS: atom_id res chain seq x y z
N SER A 34 -2.38 17.40 6.56
CA SER A 34 -1.27 18.35 6.24
C SER A 34 -0.69 18.98 7.51
N GLN A 35 0.16 18.22 8.23
CA GLN A 35 0.79 18.77 9.41
C GLN A 35 2.08 19.54 9.02
N ILE A 36 3.09 18.88 8.48
CA ILE A 36 4.32 19.57 8.08
C ILE A 36 4.24 19.92 6.59
N THR A 37 4.45 21.18 6.26
CA THR A 37 4.35 21.57 4.87
C THR A 37 5.54 22.38 4.39
N GLY A 38 6.60 22.40 5.21
CA GLY A 38 7.82 23.12 4.87
C GLY A 38 9.05 22.45 5.49
N ASN A 39 10.23 22.73 4.96
CA ASN A 39 11.42 22.10 5.47
C ASN A 39 11.52 22.07 6.98
N GLU A 40 11.64 20.86 7.51
CA GLU A 40 11.72 20.66 8.93
C GLU A 40 12.47 19.38 9.24
N ILE A 41 13.29 19.41 10.28
CA ILE A 41 14.05 18.26 10.77
C ILE A 41 13.80 18.12 12.26
N GLY A 42 13.50 16.93 12.75
CA GLY A 42 13.30 16.79 14.20
C GLY A 42 13.21 15.32 14.58
N THR A 43 12.70 15.04 15.77
CA THR A 43 12.48 13.66 16.20
C THR A 43 11.02 13.52 16.59
N HIS A 44 10.44 12.40 16.28
CA HIS A 44 9.08 12.14 16.62
C HIS A 44 8.92 10.67 16.95
N ASP A 45 8.35 10.39 18.12
CA ASP A 45 8.12 9.03 18.60
C ASP A 45 9.25 8.02 18.37
N GLY A 46 10.45 8.46 18.65
CA GLY A 46 11.60 7.57 18.60
C GLY A 46 12.35 7.57 17.29
N TYR A 47 11.88 8.33 16.33
CA TYR A 47 12.51 8.38 15.01
C TYR A 47 12.91 9.79 14.58
N ASP A 48 14.03 9.93 13.85
CA ASP A 48 14.46 11.19 13.32
C ASP A 48 13.70 11.39 12.03
N TYR A 49 13.02 12.52 11.84
CA TYR A 49 12.26 12.71 10.62
C TYR A 49 12.73 13.95 9.87
N GLU A 50 12.39 14.01 8.59
CA GLU A 50 12.71 15.19 7.81
C GLU A 50 11.78 15.35 6.65
N PHE A 51 11.41 16.61 6.45
CA PHE A 51 10.60 17.05 5.32
C PHE A 51 11.61 17.95 4.60
N TRP A 52 11.82 17.77 3.30
CA TRP A 52 12.73 18.66 2.58
C TRP A 52 12.25 18.79 1.14
N LYS A 53 12.24 20.02 0.63
CA LYS A 53 11.91 20.26 -0.78
C LYS A 53 12.62 21.53 -1.21
N ASP A 54 12.79 21.70 -2.50
CA ASP A 54 13.39 22.92 -3.01
C ASP A 54 12.16 23.70 -3.54
N GLU A 55 12.34 24.80 -4.28
CA GLU A 55 11.18 25.56 -4.75
C GLU A 55 10.23 24.94 -5.78
N GLY A 56 8.95 25.26 -5.66
CA GLY A 56 7.97 24.75 -6.60
C GLY A 56 6.95 23.80 -6.01
N GLY A 57 5.68 23.97 -6.37
CA GLY A 57 4.63 23.10 -5.88
C GLY A 57 4.59 22.99 -4.37
N TYR A 58 3.87 22.00 -3.87
CA TYR A 58 3.79 21.83 -2.42
C TYR A 58 3.80 20.37 -1.97
N GLY A 59 3.99 20.17 -0.67
CA GLY A 59 4.03 18.83 -0.11
C GLY A 59 3.48 18.87 1.31
N SER A 60 3.00 17.73 1.78
CA SER A 60 2.43 17.59 3.13
C SER A 60 2.87 16.25 3.76
N MET A 61 3.33 16.27 5.01
CA MET A 61 3.79 15.09 5.71
C MET A 61 3.09 15.06 7.05
N THR A 62 2.56 13.90 7.42
CA THR A 62 1.88 13.71 8.70
C THR A 62 2.65 12.62 9.44
N LEU A 63 3.11 12.97 10.63
CA LEU A 63 3.86 12.03 11.41
C LEU A 63 2.96 11.13 12.22
N ASN A 64 3.15 9.82 12.08
CA ASN A 64 2.36 8.86 12.82
C ASN A 64 3.22 8.05 13.79
N SER A 65 2.70 7.02 14.45
CA SER A 65 3.53 6.36 15.44
C SER A 65 4.83 5.71 14.95
N GLY A 66 5.84 5.73 15.79
CA GLY A 66 7.13 5.09 15.48
C GLY A 66 7.72 5.63 14.19
N GLY A 67 8.00 4.72 13.26
CA GLY A 67 8.61 5.17 12.03
C GLY A 67 7.61 5.51 10.96
N THR A 68 6.32 5.55 11.29
CA THR A 68 5.31 5.77 10.25
C THR A 68 4.95 7.20 9.96
N PHE A 69 4.52 7.43 8.73
CA PHE A 69 4.12 8.76 8.34
C PHE A 69 3.40 8.71 7.01
N SER A 70 2.59 9.72 6.71
CA SER A 70 1.99 9.76 5.37
C SER A 70 2.54 11.00 4.66
N ALA A 71 2.61 10.94 3.34
CA ALA A 71 3.11 12.05 2.58
C ALA A 71 2.26 12.25 1.35
N GLU A 72 2.16 13.49 0.92
CA GLU A 72 1.41 13.89 -0.26
C GLU A 72 2.23 14.97 -0.92
N TRP A 73 2.36 14.94 -2.23
CA TRP A 73 3.10 16.00 -2.89
C TRP A 73 2.38 16.29 -4.23
N THR A 74 2.52 17.54 -4.69
CA THR A 74 1.84 18.06 -5.87
C THR A 74 2.77 18.97 -6.67
N ASP A 75 3.00 18.64 -7.95
CA ASP A 75 3.87 19.41 -8.83
C ASP A 75 5.17 19.99 -8.25
N VAL A 76 5.96 19.14 -7.61
CA VAL A 76 7.22 19.58 -7.01
C VAL A 76 8.37 19.45 -7.99
N HIS A 77 9.51 20.09 -7.70
CA HIS A 77 10.71 19.89 -8.49
C HIS A 77 11.34 18.65 -7.78
N ASN A 78 11.80 18.83 -6.55
CA ASN A 78 12.39 17.70 -5.78
C ASN A 78 11.93 17.77 -4.32
N ILE A 79 11.40 16.65 -3.79
CA ILE A 79 10.93 16.59 -2.39
C ILE A 79 11.39 15.25 -1.77
N LEU A 80 11.72 15.25 -0.48
CA LEU A 80 12.09 13.99 0.24
C LEU A 80 11.38 14.01 1.60
N PHE A 81 10.73 12.88 1.93
CA PHE A 81 10.05 12.70 3.22
C PHE A 81 10.71 11.50 3.84
N ARG A 82 11.11 11.54 5.09
CA ARG A 82 11.69 10.34 5.66
C ARG A 82 11.63 10.22 7.17
N LYS A 83 11.72 8.99 7.67
CA LYS A 83 11.80 8.76 9.11
C LYS A 83 12.81 7.65 9.30
N GLY A 84 13.72 7.85 10.23
CA GLY A 84 14.72 6.83 10.45
C GLY A 84 15.55 7.10 11.67
N GLN A 85 16.84 6.77 11.61
CA GLN A 85 17.71 7.04 12.77
C GLN A 85 19.00 7.73 12.36
N LYS A 86 19.41 8.76 13.13
CA LYS A 86 20.68 9.45 12.91
C LYS A 86 21.60 8.90 13.98
N PHE A 87 22.91 8.89 13.68
CA PHE A 87 23.93 8.36 14.58
C PHE A 87 25.01 9.38 14.86
N ASP A 88 25.88 9.06 15.81
CA ASP A 88 26.93 10.02 16.20
C ASP A 88 28.15 10.09 15.29
N THR A 89 28.19 9.20 14.30
CA THR A 89 29.28 9.21 13.32
C THR A 89 30.62 8.66 13.86
N THR A 90 30.54 7.85 14.90
CA THR A 90 31.71 7.23 15.47
C THR A 90 31.76 5.75 15.18
N GLN A 91 30.73 5.20 14.50
CA GLN A 91 30.76 3.75 14.26
C GLN A 91 30.56 3.32 12.81
N THR A 92 31.25 2.25 12.40
CA THR A 92 31.03 1.74 11.05
C THR A 92 29.70 0.93 11.17
N HIS A 93 29.12 0.58 10.01
CA HIS A 93 27.91 -0.22 10.11
C HIS A 93 28.20 -1.57 10.75
N GLN A 94 29.43 -2.14 10.58
CA GLN A 94 29.74 -3.42 11.24
C GLN A 94 29.76 -3.25 12.78
N GLN A 95 30.22 -2.10 13.27
CA GLN A 95 30.23 -1.93 14.70
C GLN A 95 28.84 -1.77 15.23
N LEU A 96 27.97 -1.12 14.45
CA LEU A 96 26.60 -0.96 14.91
C LEU A 96 25.88 -2.31 15.03
N GLY A 97 26.07 -3.15 14.02
CA GLY A 97 25.46 -4.44 14.04
C GLY A 97 24.53 -4.58 12.84
N ASN A 98 23.74 -5.63 12.90
CA ASN A 98 22.82 -5.95 11.77
C ASN A 98 21.66 -4.98 11.73
N ILE A 99 21.60 -4.17 10.66
CA ILE A 99 20.55 -3.17 10.52
C ILE A 99 19.43 -3.68 9.57
N ASN A 100 18.18 -3.68 10.07
CA ASN A 100 17.05 -4.09 9.24
C ASN A 100 15.90 -3.15 9.32
N ILE A 101 15.17 -3.05 8.23
CA ILE A 101 13.96 -2.24 8.23
C ILE A 101 12.84 -3.11 7.73
N ASP A 102 11.77 -3.23 8.53
CA ASP A 102 10.56 -4.00 8.13
C ASP A 102 9.60 -2.89 7.76
N TYR A 103 9.12 -2.87 6.51
CA TYR A 103 8.33 -1.75 6.06
C TYR A 103 7.15 -2.17 5.20
N GLY A 104 6.28 -1.18 5.04
CA GLY A 104 5.13 -1.30 4.16
C GLY A 104 4.66 0.10 3.75
N VAL A 105 4.44 0.33 2.47
CA VAL A 105 4.02 1.61 1.99
C VAL A 105 2.93 1.46 0.96
N ASN A 106 1.89 2.27 1.07
CA ASN A 106 0.83 2.24 0.05
C ASN A 106 1.43 3.35 -0.80
N TYR A 107 2.18 2.93 -1.84
CA TYR A 107 2.93 3.83 -2.67
C TYR A 107 2.26 4.13 -3.96
N GLN A 108 1.88 5.40 -4.10
CA GLN A 108 1.13 5.85 -5.27
C GLN A 108 1.72 7.05 -5.91
N PRO A 109 2.88 6.91 -6.53
CA PRO A 109 3.47 8.06 -7.18
C PRO A 109 2.79 8.30 -8.54
N ASN A 110 2.82 9.55 -9.00
CA ASN A 110 2.23 9.88 -10.30
C ASN A 110 3.33 10.65 -10.94
N GLY A 111 4.29 9.92 -11.48
CA GLY A 111 5.43 10.57 -12.08
C GLY A 111 6.67 9.92 -11.45
N SER A 112 7.79 10.62 -11.51
CA SER A 112 9.06 10.07 -11.02
C SER A 112 9.12 10.13 -9.52
N SER A 113 9.63 9.07 -8.91
CA SER A 113 9.67 9.01 -7.46
C SER A 113 10.45 7.76 -7.07
N TYR A 114 10.99 7.77 -5.85
CA TYR A 114 11.70 6.58 -5.32
C TYR A 114 11.14 6.23 -3.95
N LEU A 115 11.11 4.94 -3.64
CA LEU A 115 10.80 4.44 -2.32
C LEU A 115 12.16 3.75 -1.97
N ALA A 116 12.87 4.25 -0.95
CA ALA A 116 14.21 3.71 -0.72
C ALA A 116 14.64 3.87 0.70
N VAL A 117 15.70 3.15 1.06
CA VAL A 117 16.35 3.42 2.34
C VAL A 117 17.46 4.37 1.89
N TYR A 118 17.57 5.50 2.58
CA TYR A 118 18.47 6.57 2.21
C TYR A 118 19.32 6.98 3.40
N GLY A 119 20.53 7.47 3.16
CA GLY A 119 21.32 7.92 4.29
C GLY A 119 22.71 8.42 3.90
N TRP A 120 23.59 8.51 4.91
CA TRP A 120 24.94 9.03 4.71
C TRP A 120 25.94 8.39 5.60
N THR A 121 27.19 8.46 5.15
CA THR A 121 28.32 8.08 6.01
C THR A 121 29.25 9.27 5.91
N THR A 122 30.22 9.33 6.81
CA THR A 122 31.21 10.40 6.78
C THR A 122 32.56 9.71 6.87
N ASP A 123 33.57 10.38 6.31
CA ASP A 123 34.94 9.88 6.32
C ASP A 123 35.09 8.45 5.88
N PRO A 124 34.78 8.20 4.59
CA PRO A 124 34.33 9.13 3.57
C PRO A 124 32.86 9.53 3.60
N LEU A 125 32.61 10.72 3.04
CA LEU A 125 31.27 11.30 2.90
C LEU A 125 30.65 10.51 1.75
N VAL A 126 29.54 9.82 2.03
CA VAL A 126 28.86 9.03 1.00
C VAL A 126 27.34 9.21 1.21
N GLU A 127 26.62 9.41 0.12
CA GLU A 127 25.15 9.50 0.15
C GLU A 127 24.69 8.19 -0.46
N PHE A 128 23.70 7.52 0.12
CA PHE A 128 23.33 6.23 -0.47
C PHE A 128 21.84 5.97 -0.54
N TYR A 129 21.48 5.03 -1.42
CA TYR A 129 20.08 4.67 -1.65
C TYR A 129 19.98 3.20 -1.90
N ILE A 130 19.03 2.55 -1.24
CA ILE A 130 18.69 1.15 -1.50
C ILE A 130 17.23 1.32 -1.95
N VAL A 131 17.00 1.19 -3.26
CA VAL A 131 15.68 1.47 -3.86
C VAL A 131 14.82 0.24 -4.10
N ASP A 132 13.62 0.20 -3.47
CA ASP A 132 12.74 -0.94 -3.66
C ASP A 132 11.63 -0.66 -4.70
N SER A 133 11.25 0.58 -4.82
CA SER A 133 10.23 0.92 -5.82
C SER A 133 10.48 2.30 -6.33
N TRP A 134 9.77 2.66 -7.42
CA TRP A 134 9.97 3.93 -8.03
C TRP A 134 8.71 4.24 -8.86
N GLY A 135 8.70 5.43 -9.42
CA GLY A 135 7.55 5.81 -10.23
C GLY A 135 7.78 5.41 -11.69
N THR A 136 7.85 6.43 -12.51
CA THR A 136 7.99 6.26 -13.97
C THR A 136 9.43 6.03 -14.42
N TRP A 137 10.41 6.25 -13.55
CA TRP A 137 11.80 6.06 -13.97
C TRP A 137 12.58 5.26 -12.93
N ARG A 138 13.17 4.16 -13.37
CA ARG A 138 14.00 3.37 -12.47
C ARG A 138 15.38 4.04 -12.48
N PRO A 139 15.91 4.43 -11.30
CA PRO A 139 17.19 5.09 -11.18
C PRO A 139 18.33 4.09 -11.26
N PRO A 140 19.57 4.60 -11.38
CA PRO A 140 20.01 6.01 -11.44
C PRO A 140 20.62 6.46 -12.77
N GLY A 141 20.42 5.66 -13.81
CA GLY A 141 20.96 6.03 -15.12
C GLY A 141 22.42 5.73 -15.39
N ALA A 142 23.02 4.90 -14.53
CA ALA A 142 24.44 4.56 -14.63
C ALA A 142 24.64 3.12 -15.05
N GLU A 143 25.90 2.78 -15.28
CA GLU A 143 26.24 1.40 -15.65
C GLU A 143 26.37 0.54 -14.39
N SER A 144 25.72 -0.62 -14.38
CA SER A 144 25.75 -1.47 -13.21
C SER A 144 27.13 -2.02 -12.90
N LYS A 145 27.45 -2.10 -11.61
CA LYS A 145 28.75 -2.63 -11.13
C LYS A 145 28.56 -4.06 -10.66
N GLY A 146 27.33 -4.55 -10.71
CA GLY A 146 27.06 -5.92 -10.33
C GLY A 146 25.74 -6.09 -9.63
N THR A 147 25.50 -7.28 -9.10
CA THR A 147 24.24 -7.51 -8.45
C THR A 147 24.37 -7.94 -6.99
N ILE A 148 23.23 -7.99 -6.34
CA ILE A 148 23.20 -8.41 -4.93
C ILE A 148 21.82 -9.14 -4.91
N HIS A 149 21.81 -10.39 -4.49
CA HIS A 149 20.60 -11.17 -4.26
C HIS A 149 20.36 -11.04 -2.79
N VAL A 150 19.24 -10.43 -2.40
CA VAL A 150 18.95 -10.35 -1.01
C VAL A 150 17.46 -10.09 -0.82
N ASP A 151 16.95 -10.53 0.32
CA ASP A 151 15.56 -10.37 0.67
C ASP A 151 14.65 -10.84 -0.46
N GLY A 152 15.04 -11.95 -1.06
CA GLY A 152 14.26 -12.56 -2.12
C GLY A 152 14.25 -11.86 -3.45
N GLY A 153 14.98 -10.76 -3.59
CA GLY A 153 15.01 -10.02 -4.83
C GLY A 153 16.40 -9.87 -5.38
N THR A 154 16.52 -9.21 -6.51
CA THR A 154 17.77 -8.96 -7.16
C THR A 154 17.97 -7.45 -7.26
N TYR A 155 19.17 -6.95 -6.91
CA TYR A 155 19.44 -5.53 -6.97
C TYR A 155 20.65 -5.27 -7.80
N GLU A 156 20.65 -4.18 -8.57
CA GLU A 156 21.84 -3.82 -9.31
C GLU A 156 22.53 -2.68 -8.55
N ILE A 157 23.86 -2.70 -8.54
CA ILE A 157 24.66 -1.75 -7.81
C ILE A 157 25.24 -0.68 -8.70
N TYR A 158 25.15 0.56 -8.28
CA TYR A 158 25.70 1.69 -9.07
C TYR A 158 26.47 2.67 -8.19
N GLU A 159 27.34 3.46 -8.81
CA GLU A 159 28.10 4.47 -8.09
C GLU A 159 28.18 5.66 -9.01
N THR A 160 27.87 6.85 -8.48
CA THR A 160 27.93 8.09 -9.25
C THR A 160 28.67 9.14 -8.43
N THR A 161 29.24 10.14 -9.10
CA THR A 161 29.95 11.19 -8.35
C THR A 161 29.07 12.42 -8.34
N ARG A 162 29.00 13.09 -7.19
CA ARG A 162 28.25 14.33 -7.04
C ARG A 162 29.31 15.42 -6.88
N VAL A 163 29.39 16.33 -7.85
CA VAL A 163 30.43 17.38 -7.79
C VAL A 163 29.93 18.72 -7.27
N GLN A 164 30.53 19.16 -6.17
CA GLN A 164 30.19 20.41 -5.52
C GLN A 164 28.70 20.57 -5.39
N GLN A 165 28.11 19.59 -4.70
CA GLN A 165 26.69 19.57 -4.45
C GLN A 165 26.47 19.71 -2.97
N PRO A 166 25.23 20.02 -2.55
CA PRO A 166 24.94 20.16 -1.12
C PRO A 166 25.10 18.80 -0.45
N SER A 167 25.50 18.80 0.81
CA SER A 167 25.70 17.58 1.61
C SER A 167 25.60 17.90 3.10
N ILE A 168 25.63 16.87 3.93
CA ILE A 168 25.55 17.09 5.37
C ILE A 168 26.79 17.83 5.86
N GLU A 169 27.77 18.00 4.98
CA GLU A 169 28.98 18.69 5.36
C GLU A 169 29.19 19.93 4.49
N GLY A 170 28.11 20.48 3.96
CA GLY A 170 28.20 21.66 3.11
C GLY A 170 28.50 21.30 1.66
N THR A 171 28.81 22.29 0.84
CA THR A 171 29.12 22.03 -0.57
C THR A 171 30.29 21.04 -0.59
N ALA A 172 30.13 19.96 -1.34
CA ALA A 172 31.19 18.97 -1.36
C ALA A 172 31.10 18.08 -2.57
N THR A 173 32.18 17.35 -2.82
CA THR A 173 32.22 16.40 -3.91
C THR A 173 32.32 15.04 -3.26
N PHE A 174 31.34 14.20 -3.54
CA PHE A 174 31.30 12.91 -2.90
C PHE A 174 30.68 11.88 -3.82
N GLN A 175 30.81 10.63 -3.40
CA GLN A 175 30.22 9.49 -4.15
C GLN A 175 28.82 9.20 -3.64
N GLN A 176 28.00 8.64 -4.51
CA GLN A 176 26.61 8.30 -4.21
C GLN A 176 26.51 6.85 -4.57
N TYR A 177 26.12 6.01 -3.60
CA TYR A 177 25.99 4.56 -3.85
C TYR A 177 24.54 4.17 -4.01
N TRP A 178 24.29 3.19 -4.86
CA TRP A 178 22.97 2.70 -5.12
C TRP A 178 22.85 1.21 -5.18
N SER A 179 21.78 0.67 -4.58
CA SER A 179 21.37 -0.71 -4.81
C SER A 179 19.95 -0.50 -5.36
N VAL A 180 19.62 -1.00 -6.53
CA VAL A 180 18.24 -0.75 -7.09
C VAL A 180 17.60 -2.06 -7.49
N ARG A 181 16.41 -2.38 -6.94
CA ARG A 181 15.78 -3.65 -7.18
C ARG A 181 15.43 -3.75 -8.67
N THR A 182 15.42 -4.99 -9.18
CA THR A 182 15.18 -5.13 -10.62
C THR A 182 13.69 -5.05 -10.89
N ASP A 183 12.87 -5.30 -9.90
CA ASP A 183 11.42 -5.18 -10.01
C ASP A 183 10.91 -4.41 -8.79
N LYS A 184 9.74 -3.77 -8.90
CA LYS A 184 9.22 -3.01 -7.74
C LYS A 184 8.63 -3.84 -6.60
N ARG A 185 8.87 -3.37 -5.35
CA ARG A 185 8.39 -4.01 -4.14
C ARG A 185 8.03 -2.83 -3.20
N THR A 186 6.92 -3.02 -2.45
CA THR A 186 6.45 -2.00 -1.51
C THR A 186 6.26 -2.48 -0.10
N SER A 187 6.73 -3.68 0.24
CA SER A 187 6.70 -4.16 1.59
C SER A 187 7.67 -5.31 1.75
N GLY A 188 8.06 -5.58 2.97
CA GLY A 188 8.94 -6.68 3.26
C GLY A 188 10.01 -6.15 4.20
N THR A 189 11.10 -6.87 4.20
CA THR A 189 12.25 -6.50 5.02
C THR A 189 13.38 -6.13 4.11
N ILE A 190 13.99 -4.98 4.40
CA ILE A 190 15.20 -4.58 3.69
C ILE A 190 16.39 -4.83 4.67
N SER A 191 17.23 -5.82 4.31
CA SER A 191 18.39 -6.19 5.15
C SER A 191 19.50 -5.17 4.79
N VAL A 192 19.40 -3.95 5.36
CA VAL A 192 20.25 -2.83 5.06
C VAL A 192 21.73 -3.23 5.13
N SER A 193 22.09 -3.89 6.23
CA SER A 193 23.50 -4.30 6.37
C SER A 193 23.98 -5.14 5.20
N GLU A 194 23.15 -6.00 4.62
CA GLU A 194 23.65 -6.78 3.51
C GLU A 194 24.04 -5.92 2.32
N HIS A 195 23.26 -4.86 2.06
CA HIS A 195 23.65 -3.93 0.96
C HIS A 195 24.96 -3.22 1.27
N PHE A 196 25.10 -2.84 2.55
CA PHE A 196 26.35 -2.15 2.91
C PHE A 196 27.56 -3.04 2.71
N HIS A 197 27.43 -4.29 3.18
CA HIS A 197 28.55 -5.23 2.99
C HIS A 197 28.84 -5.43 1.50
N ALA A 198 27.82 -5.57 0.67
CA ALA A 198 28.04 -5.78 -0.78
C ALA A 198 28.68 -4.55 -1.43
N TRP A 199 28.27 -3.35 -1.05
CA TRP A 199 28.94 -2.18 -1.65
C TRP A 199 30.46 -2.24 -1.32
N GLU A 200 30.79 -2.48 -0.06
CA GLU A 200 32.23 -2.55 0.27
C GLU A 200 32.89 -3.67 -0.51
N ALA A 201 32.22 -4.81 -0.66
CA ALA A 201 32.85 -5.93 -1.42
C ALA A 201 33.06 -5.62 -2.90
N HIS A 202 32.29 -4.65 -3.42
CA HIS A 202 32.41 -4.23 -4.81
C HIS A 202 33.37 -3.03 -4.91
N GLY A 203 34.14 -2.79 -3.85
CA GLY A 203 35.11 -1.70 -3.86
C GLY A 203 34.61 -0.28 -3.64
N MET A 204 33.45 -0.18 -2.97
CA MET A 204 32.82 1.12 -2.68
C MET A 204 32.86 1.26 -1.16
N PRO A 205 33.91 1.90 -0.63
CA PRO A 205 34.01 2.02 0.83
C PRO A 205 32.98 2.90 1.52
N MET A 206 32.71 2.54 2.75
CA MET A 206 31.77 3.26 3.57
C MET A 206 32.46 3.86 4.77
N GLY A 207 32.02 5.05 5.11
CA GLY A 207 32.51 5.71 6.30
C GLY A 207 31.70 5.36 7.56
N ASN A 208 31.82 6.16 8.62
CA ASN A 208 31.04 5.93 9.82
C ASN A 208 29.62 6.39 9.50
N MET A 209 28.66 5.68 10.08
CA MET A 209 27.25 6.01 9.82
C MET A 209 26.74 7.29 10.37
N TYR A 210 26.02 8.01 9.54
CA TYR A 210 25.43 9.27 9.97
C TYR A 210 23.90 9.12 10.01
N GLU A 211 23.31 8.46 9.01
CA GLU A 211 21.86 8.32 9.02
C GLU A 211 21.42 7.12 8.17
N VAL A 212 20.29 6.50 8.56
CA VAL A 212 19.66 5.43 7.77
C VAL A 212 18.14 5.70 7.89
N ALA A 213 17.46 5.86 6.76
CA ALA A 213 16.03 6.16 6.88
C ALA A 213 15.21 5.76 5.68
N LEU A 214 14.01 5.20 5.93
CA LEU A 214 13.07 4.87 4.85
C LEU A 214 12.57 6.22 4.34
N THR A 215 12.65 6.40 3.03
CA THR A 215 12.44 7.67 2.41
C THR A 215 11.55 7.57 1.18
N VAL A 216 10.75 8.61 0.98
CA VAL A 216 9.95 8.68 -0.23
C VAL A 216 10.39 9.95 -0.89
N GLU A 217 10.87 9.85 -2.16
CA GLU A 217 11.36 11.03 -2.88
C GLU A 217 10.47 11.26 -4.13
N GLY A 218 10.26 12.53 -4.42
CA GLY A 218 9.46 12.90 -5.59
C GLY A 218 10.28 13.81 -6.49
N TRP A 219 10.18 13.60 -7.79
CA TRP A 219 10.91 14.46 -8.74
C TRP A 219 9.97 14.87 -9.91
N GLN A 220 9.79 16.16 -10.12
CA GLN A 220 8.90 16.70 -11.19
C GLN A 220 7.62 15.90 -11.22
N SER A 221 6.96 15.77 -10.08
CA SER A 221 5.78 14.94 -10.06
C SER A 221 4.86 15.26 -8.91
N SER A 222 3.84 14.43 -8.78
CA SER A 222 2.83 14.45 -7.71
C SER A 222 2.71 13.03 -7.20
N GLY A 223 2.16 12.82 -6.02
CA GLY A 223 1.97 11.47 -5.57
C GLY A 223 1.52 11.37 -4.13
N SER A 224 1.30 10.14 -3.67
CA SER A 224 0.96 9.98 -2.29
C SER A 224 1.66 8.73 -1.81
N ALA A 225 2.06 8.71 -0.55
CA ALA A 225 2.67 7.52 -0.03
C ALA A 225 2.27 7.39 1.41
N ASP A 226 1.68 6.29 1.79
CA ASP A 226 1.34 6.08 3.18
C ASP A 226 2.27 5.01 3.74
N VAL A 227 3.26 5.47 4.52
CA VAL A 227 4.22 4.54 5.13
C VAL A 227 3.55 4.07 6.41
N TYR A 228 2.83 2.96 6.30
CA TYR A 228 2.11 2.42 7.44
C TYR A 228 2.92 1.46 8.32
N ARG A 229 4.12 1.09 7.84
CA ARG A 229 4.99 0.26 8.64
C ARG A 229 6.44 0.67 8.29
N ASN A 230 7.24 0.87 9.31
CA ASN A 230 8.65 1.26 9.14
C ASN A 230 9.33 1.01 10.48
N ASN A 231 9.77 -0.23 10.68
CA ASN A 231 10.41 -0.63 11.93
C ASN A 231 11.89 -0.81 11.69
N LEU A 232 12.69 0.13 12.18
CA LEU A 232 14.15 0.02 11.99
C LEU A 232 14.78 -0.56 13.24
N THR A 233 15.48 -1.67 13.09
CA THR A 233 16.18 -2.29 14.23
C THR A 233 17.65 -2.47 13.96
N ILE A 234 18.42 -2.53 15.04
CA ILE A 234 19.88 -2.74 14.95
C ILE A 234 20.20 -3.89 15.91
N GLY A 235 20.61 -5.04 15.37
CA GLY A 235 20.89 -6.16 16.26
C GLY A 235 19.58 -6.67 16.83
N GLY A 236 18.48 -6.39 16.13
CA GLY A 236 17.16 -6.84 16.55
C GLY A 236 16.49 -5.92 17.54
N LEU A 237 17.19 -4.90 18.01
CA LEU A 237 16.62 -3.97 19.01
C LEU A 237 16.37 -2.54 18.51
N GLU A 238 15.47 -1.82 19.18
CA GLU A 238 15.22 -0.43 18.83
C GLU A 238 16.54 0.30 19.01
N HIS A 239 16.76 1.36 18.25
CA HIS A 239 17.99 2.12 18.37
C HIS A 239 17.91 2.91 19.69
N GLN B 35 -3.72 -17.20 12.49
CA GLN B 35 -3.38 -17.33 11.04
C GLN B 35 -4.19 -18.39 10.30
N ILE B 36 -5.07 -17.92 9.43
CA ILE B 36 -5.96 -18.79 8.69
C ILE B 36 -5.43 -19.21 7.33
N THR B 37 -5.45 -20.51 7.09
CA THR B 37 -4.99 -21.04 5.82
C THR B 37 -6.07 -21.91 5.21
N GLY B 38 -7.28 -21.87 5.77
CA GLY B 38 -8.36 -22.68 5.24
C GLY B 38 -9.71 -22.05 5.50
N ASN B 39 -10.72 -22.39 4.69
CA ASN B 39 -12.09 -21.86 4.81
C ASN B 39 -12.58 -21.65 6.22
N GLU B 40 -13.02 -20.43 6.52
CA GLU B 40 -13.50 -20.12 7.86
C GLU B 40 -14.28 -18.83 7.88
N ILE B 41 -15.31 -18.81 8.73
CA ILE B 41 -16.19 -17.66 8.92
C ILE B 41 -16.26 -17.37 10.41
N GLY B 42 -16.20 -16.09 10.77
CA GLY B 42 -16.23 -15.74 12.18
C GLY B 42 -16.26 -14.24 12.37
N THR B 43 -15.95 -13.82 13.58
CA THR B 43 -15.90 -12.41 13.89
C THR B 43 -14.57 -12.25 14.59
N HIS B 44 -13.87 -11.19 14.26
CA HIS B 44 -12.56 -10.97 14.89
C HIS B 44 -12.47 -9.49 15.13
N ASP B 45 -12.20 -9.10 16.39
CA ASP B 45 -12.05 -7.70 16.79
C ASP B 45 -13.13 -6.76 16.32
N GLY B 46 -14.35 -7.25 16.33
CA GLY B 46 -15.47 -6.40 15.99
C GLY B 46 -15.96 -6.47 14.54
N TYR B 47 -15.28 -7.25 13.73
CA TYR B 47 -15.63 -7.38 12.31
C TYR B 47 -15.89 -8.82 11.89
N ASP B 48 -16.88 -9.00 11.02
CA ASP B 48 -17.15 -10.34 10.51
C ASP B 48 -16.09 -10.57 9.45
N TYR B 49 -15.45 -11.73 9.47
CA TYR B 49 -14.42 -12.06 8.50
C TYR B 49 -14.74 -13.36 7.79
N GLU B 50 -14.09 -13.59 6.66
CA GLU B 50 -14.23 -14.84 5.92
C GLU B 50 -13.04 -15.09 5.03
N PHE B 51 -12.61 -16.34 5.00
CA PHE B 51 -11.53 -16.82 4.17
C PHE B 51 -12.24 -17.91 3.38
N TRP B 52 -12.08 -17.89 2.04
CA TRP B 52 -12.73 -18.89 1.20
C TRP B 52 -11.92 -19.13 -0.05
N LYS B 53 -11.63 -20.40 -0.30
CA LYS B 53 -10.81 -20.80 -1.43
C LYS B 53 -11.31 -22.17 -1.91
N ASP B 54 -11.30 -22.39 -3.21
CA ASP B 54 -11.70 -23.71 -3.74
C ASP B 54 -10.38 -24.47 -3.89
N GLU B 55 -10.46 -25.79 -4.04
CA GLU B 55 -9.27 -26.60 -4.17
C GLU B 55 -8.28 -26.04 -5.19
N GLY B 56 -7.02 -25.89 -4.81
CA GLY B 56 -6.04 -25.42 -5.77
C GLY B 56 -4.99 -24.34 -5.52
N GLY B 57 -4.04 -24.59 -4.63
CA GLY B 57 -3.01 -23.60 -4.36
C GLY B 57 -2.95 -23.27 -2.88
N TYR B 58 -2.34 -22.14 -2.53
CA TYR B 58 -2.22 -21.76 -1.13
C TYR B 58 -2.72 -20.34 -0.85
N GLY B 59 -3.33 -20.17 0.32
CA GLY B 59 -3.82 -18.88 0.75
C GLY B 59 -3.57 -18.72 2.23
N SER B 60 -3.32 -17.51 2.66
CA SER B 60 -3.06 -17.27 4.07
C SER B 60 -3.66 -15.91 4.42
N MET B 61 -4.42 -15.87 5.51
CA MET B 61 -5.05 -14.64 5.99
C MET B 61 -4.68 -14.46 7.47
N THR B 62 -4.20 -13.28 7.82
CA THR B 62 -3.85 -12.97 9.21
C THR B 62 -4.78 -11.86 9.61
N LEU B 63 -5.55 -12.08 10.67
CA LEU B 63 -6.50 -11.12 11.17
C LEU B 63 -5.85 -10.10 12.07
N ASN B 64 -5.99 -8.81 11.72
CA ASN B 64 -5.43 -7.76 12.54
C ASN B 64 -6.49 -6.89 13.18
N SER B 65 -6.13 -5.78 13.83
CA SER B 65 -7.15 -5.01 14.53
C SER B 65 -8.31 -4.49 13.71
N GLY B 66 -9.47 -4.38 14.34
CA GLY B 66 -10.67 -3.83 13.68
C GLY B 66 -10.97 -4.51 12.36
N GLY B 67 -11.05 -3.73 11.29
CA GLY B 67 -11.32 -4.33 9.99
C GLY B 67 -10.11 -4.80 9.18
N THR B 68 -8.92 -4.70 9.79
CA THR B 68 -7.72 -5.02 9.06
C THR B 68 -7.25 -6.45 9.01
N PHE B 69 -6.51 -6.78 7.98
CA PHE B 69 -6.02 -8.11 7.80
C PHE B 69 -5.02 -8.12 6.70
N SER B 70 -4.19 -9.17 6.66
CA SER B 70 -3.27 -9.27 5.57
C SER B 70 -3.56 -10.59 4.86
N ALA B 71 -3.34 -10.58 3.56
CA ALA B 71 -3.60 -11.72 2.76
C ALA B 71 -2.45 -11.95 1.81
N GLU B 72 -2.28 -13.22 1.50
CA GLU B 72 -1.29 -13.72 0.56
C GLU B 72 -1.91 -14.94 -0.11
N TRP B 73 -1.69 -15.06 -1.41
CA TRP B 73 -2.20 -16.22 -2.10
C TRP B 73 -1.20 -16.64 -3.18
N THR B 74 -1.16 -17.93 -3.46
CA THR B 74 -0.22 -18.44 -4.46
C THR B 74 -0.87 -19.46 -5.35
N ASP B 75 -0.77 -19.22 -6.66
CA ASP B 75 -1.34 -20.10 -7.67
C ASP B 75 -2.68 -20.71 -7.28
N VAL B 76 -3.65 -19.87 -6.97
CA VAL B 76 -4.99 -20.32 -6.61
C VAL B 76 -5.86 -20.31 -7.86
N HIS B 77 -7.05 -20.86 -7.73
CA HIS B 77 -8.06 -20.86 -8.79
C HIS B 77 -8.92 -19.61 -8.52
N ASN B 78 -9.60 -19.66 -7.38
CA ASN B 78 -10.49 -18.59 -6.90
C ASN B 78 -10.34 -18.51 -5.37
N ILE B 79 -10.03 -17.32 -4.86
CA ILE B 79 -9.87 -17.13 -3.40
C ILE B 79 -10.42 -15.75 -3.03
N LEU B 80 -10.80 -15.60 -1.78
CA LEU B 80 -11.32 -14.33 -1.33
C LEU B 80 -10.99 -14.15 0.12
N PHE B 81 -10.78 -12.91 0.49
CA PHE B 81 -10.43 -12.57 1.86
C PHE B 81 -11.32 -11.36 2.18
N ARG B 82 -12.06 -11.39 3.27
CA ARG B 82 -12.87 -10.19 3.62
C ARG B 82 -13.11 -9.94 5.09
N LYS B 83 -13.31 -8.68 5.42
CA LYS B 83 -13.70 -8.29 6.78
C LYS B 83 -14.71 -7.19 6.58
N GLY B 84 -15.81 -7.26 7.32
CA GLY B 84 -16.85 -6.25 7.22
C GLY B 84 -17.91 -6.44 8.28
N GLN B 85 -19.16 -6.10 7.94
CA GLN B 85 -20.25 -6.20 8.90
C GLN B 85 -21.46 -6.91 8.30
N LYS B 86 -22.04 -7.80 9.08
CA LYS B 86 -23.26 -8.49 8.65
C LYS B 86 -24.41 -7.83 9.42
N PHE B 87 -25.56 -7.68 8.77
CA PHE B 87 -26.78 -7.08 9.34
C PHE B 87 -27.90 -8.14 9.43
N ASP B 88 -28.98 -7.83 10.13
CA ASP B 88 -30.12 -8.75 10.30
C ASP B 88 -31.14 -8.82 9.14
N THR B 89 -30.82 -8.21 8.00
CA THR B 89 -31.69 -8.14 6.82
C THR B 89 -33.09 -7.58 7.04
N THR B 90 -33.22 -6.63 7.96
CA THR B 90 -34.54 -6.04 8.16
C THR B 90 -34.51 -4.58 7.75
N GLN B 91 -33.38 -4.11 7.19
CA GLN B 91 -33.33 -2.71 6.82
C GLN B 91 -32.74 -2.43 5.43
N THR B 92 -33.36 -1.47 4.74
CA THR B 92 -32.85 -1.03 3.45
C THR B 92 -31.58 -0.19 3.79
N HIS B 93 -30.78 0.09 2.78
CA HIS B 93 -29.60 0.91 3.07
C HIS B 93 -30.01 2.31 3.51
N GLN B 94 -31.12 2.87 3.00
CA GLN B 94 -31.57 4.21 3.40
C GLN B 94 -31.95 4.16 4.89
N GLN B 95 -32.56 3.07 5.33
CA GLN B 95 -32.91 2.99 6.74
C GLN B 95 -31.67 2.85 7.62
N LEU B 96 -30.64 2.16 7.12
CA LEU B 96 -29.40 2.04 7.88
C LEU B 96 -28.72 3.36 8.05
N GLY B 97 -28.74 4.19 7.00
CA GLY B 97 -28.11 5.49 7.05
C GLY B 97 -26.90 5.52 6.10
N ASN B 98 -26.07 6.54 6.26
CA ASN B 98 -24.89 6.75 5.38
C ASN B 98 -23.76 5.76 5.69
N ILE B 99 -23.41 4.92 4.73
CA ILE B 99 -22.40 3.94 4.92
C ILE B 99 -21.15 4.37 4.22
N ASN B 100 -20.06 4.39 4.98
CA ASN B 100 -18.75 4.72 4.41
C ASN B 100 -17.70 3.77 4.86
N ILE B 101 -16.72 3.59 3.98
CA ILE B 101 -15.57 2.78 4.33
C ILE B 101 -14.32 3.62 4.05
N ASP B 102 -13.48 3.82 5.08
CA ASP B 102 -12.21 4.55 4.87
C ASP B 102 -11.22 3.39 4.86
N TYR B 103 -10.41 3.29 3.81
CA TYR B 103 -9.55 2.14 3.71
C TYR B 103 -8.19 2.43 3.11
N GLY B 104 -7.32 1.44 3.27
CA GLY B 104 -5.99 1.60 2.71
C GLY B 104 -5.48 0.21 2.53
N VAL B 105 -5.00 -0.09 1.34
CA VAL B 105 -4.45 -1.43 1.08
C VAL B 105 -3.12 -1.33 0.34
N ASN B 106 -2.08 -2.00 0.85
CA ASN B 106 -0.82 -2.04 0.10
C ASN B 106 -1.19 -3.25 -0.76
N TYR B 107 -1.63 -2.94 -1.96
CA TYR B 107 -2.13 -3.98 -2.82
C TYR B 107 -1.13 -4.28 -3.91
N GLN B 108 -0.68 -5.53 -3.91
CA GLN B 108 0.35 -6.00 -4.83
C GLN B 108 -0.10 -7.35 -5.41
N PRO B 109 -1.06 -7.35 -6.34
CA PRO B 109 -1.60 -8.57 -6.97
C PRO B 109 -0.62 -8.92 -8.11
N ASN B 110 -0.53 -10.19 -8.44
CA ASN B 110 0.36 -10.68 -9.51
C ASN B 110 -0.57 -11.57 -10.33
N GLY B 111 -1.32 -10.92 -11.20
CA GLY B 111 -2.33 -11.64 -11.97
C GLY B 111 -3.68 -10.96 -11.75
N SER B 112 -4.76 -11.70 -12.01
CA SER B 112 -6.11 -11.13 -11.89
C SER B 112 -6.52 -11.11 -10.44
N SER B 113 -7.11 -9.99 -10.03
CA SER B 113 -7.50 -9.82 -8.65
C SER B 113 -8.41 -8.59 -8.57
N TYR B 114 -9.27 -8.54 -7.56
CA TYR B 114 -10.09 -7.33 -7.37
C TYR B 114 -9.88 -6.86 -5.94
N LEU B 115 -10.00 -5.55 -5.76
CA LEU B 115 -9.97 -4.96 -4.43
C LEU B 115 -11.33 -4.23 -4.48
N ALA B 116 -12.28 -4.63 -3.61
CA ALA B 116 -13.64 -4.03 -3.73
C ALA B 116 -14.41 -4.07 -2.45
N VAL B 117 -15.51 -3.30 -2.40
CA VAL B 117 -16.47 -3.45 -1.30
C VAL B 117 -17.45 -4.48 -1.82
N TYR B 118 -17.83 -5.44 -1.04
CA TYR B 118 -18.66 -6.54 -1.47
C TYR B 118 -19.73 -6.83 -0.51
N GLY B 119 -20.85 -7.38 -0.96
CA GLY B 119 -21.88 -7.72 -0.04
C GLY B 119 -23.12 -8.22 -0.76
N TRP B 120 -24.18 -8.32 0.01
CA TRP B 120 -25.48 -8.85 -0.50
C TRP B 120 -26.66 -8.13 0.11
N THR B 121 -27.81 -8.24 -0.59
CA THR B 121 -29.11 -7.82 -0.04
C THR B 121 -29.99 -9.02 -0.26
N THR B 122 -31.14 -9.05 0.41
CA THR B 122 -32.08 -10.15 0.19
C THR B 122 -33.42 -9.51 -0.10
N ASP B 123 -34.25 -10.23 -0.85
CA ASP B 123 -35.57 -9.75 -1.27
C ASP B 123 -35.59 -8.32 -1.82
N PRO B 124 -35.04 -8.11 -3.01
CA PRO B 124 -34.41 -9.14 -3.83
C PRO B 124 -33.02 -9.55 -3.41
N LEU B 125 -32.64 -10.75 -3.82
CA LEU B 125 -31.32 -11.26 -3.54
C LEU B 125 -30.38 -10.69 -4.59
N VAL B 126 -29.37 -9.94 -4.14
CA VAL B 126 -28.36 -9.42 -5.09
C VAL B 126 -26.99 -9.43 -4.42
N GLU B 127 -26.00 -9.68 -5.24
CA GLU B 127 -24.58 -9.72 -4.87
C GLU B 127 -24.02 -8.50 -5.53
N PHE B 128 -23.18 -7.75 -4.82
CA PHE B 128 -22.65 -6.51 -5.38
C PHE B 128 -21.19 -6.28 -5.09
N TYR B 129 -20.58 -5.46 -5.93
CA TYR B 129 -19.17 -5.08 -5.85
C TYR B 129 -18.97 -3.63 -6.18
N ILE B 130 -18.13 -2.93 -5.42
CA ILE B 130 -17.72 -1.58 -5.74
C ILE B 130 -16.20 -1.74 -5.82
N VAL B 131 -15.67 -1.79 -7.05
CA VAL B 131 -14.23 -2.06 -7.29
C VAL B 131 -13.38 -0.86 -7.44
N ASP B 132 -12.31 -0.76 -6.62
CA ASP B 132 -11.42 0.41 -6.66
C ASP B 132 -10.13 0.05 -7.35
N SER B 133 -9.77 -1.23 -7.27
CA SER B 133 -8.54 -1.61 -7.96
C SER B 133 -8.65 -3.05 -8.41
N TRP B 134 -7.67 -3.43 -9.26
CA TRP B 134 -7.69 -4.76 -9.76
C TRP B 134 -6.27 -5.10 -10.23
N GLY B 135 -6.14 -6.33 -10.70
CA GLY B 135 -4.86 -6.82 -11.19
C GLY B 135 -4.66 -6.53 -12.66
N THR B 136 -4.55 -7.61 -13.41
CA THR B 136 -4.32 -7.53 -14.85
C THR B 136 -5.62 -7.39 -15.66
N TRP B 137 -6.76 -7.60 -15.01
CA TRP B 137 -8.04 -7.52 -15.73
C TRP B 137 -9.09 -6.63 -15.04
N ARG B 138 -9.48 -5.53 -15.66
CA ARG B 138 -10.53 -4.67 -15.05
C ARG B 138 -11.87 -5.38 -15.30
N PRO B 139 -12.65 -5.72 -14.24
CA PRO B 139 -13.94 -6.40 -14.33
C PRO B 139 -15.06 -5.47 -14.80
N PRO B 140 -16.25 -6.01 -15.12
CA PRO B 140 -16.73 -7.39 -15.09
C PRO B 140 -17.02 -8.05 -16.45
N GLY B 141 -16.61 -7.39 -17.52
CA GLY B 141 -16.80 -7.95 -18.86
C GLY B 141 -18.21 -7.74 -19.40
N ALA B 142 -18.86 -6.71 -18.91
CA ALA B 142 -20.24 -6.42 -19.34
C ALA B 142 -20.29 -5.03 -19.96
N GLU B 143 -21.47 -4.67 -20.47
CA GLU B 143 -21.66 -3.37 -21.09
C GLU B 143 -22.12 -2.34 -20.02
N SER B 144 -21.41 -1.23 -19.89
CA SER B 144 -21.75 -0.19 -18.90
C SER B 144 -23.14 0.38 -19.05
N LYS B 145 -23.82 0.55 -17.92
CA LYS B 145 -25.17 1.12 -17.88
C LYS B 145 -25.06 2.57 -17.52
N GLY B 146 -23.85 3.08 -17.32
CA GLY B 146 -23.73 4.49 -16.98
C GLY B 146 -22.61 4.71 -16.00
N THR B 147 -22.48 5.91 -15.48
CA THR B 147 -21.40 6.22 -14.58
C THR B 147 -21.91 6.82 -13.28
N ILE B 148 -21.00 6.93 -12.33
CA ILE B 148 -21.30 7.62 -11.09
C ILE B 148 -19.97 8.32 -10.78
N HIS B 149 -20.02 9.63 -10.62
CA HIS B 149 -18.87 10.40 -10.17
C HIS B 149 -18.96 10.47 -8.65
N VAL B 150 -17.96 9.94 -7.95
CA VAL B 150 -18.02 10.00 -6.50
C VAL B 150 -16.60 9.71 -5.98
N ASP B 151 -16.35 10.21 -4.79
CA ASP B 151 -15.03 10.05 -4.13
C ASP B 151 -13.87 10.40 -5.03
N GLY B 152 -14.02 11.51 -5.75
CA GLY B 152 -12.97 12.02 -6.64
C GLY B 152 -12.72 11.23 -7.90
N GLY B 153 -13.53 10.22 -8.16
CA GLY B 153 -13.31 9.38 -9.31
C GLY B 153 -14.55 9.13 -10.09
N THR B 154 -14.43 8.28 -11.08
CA THR B 154 -15.53 7.91 -11.94
C THR B 154 -15.62 6.41 -11.94
N TYR B 155 -16.87 5.91 -11.81
CA TYR B 155 -17.12 4.47 -11.84
C TYR B 155 -18.13 4.17 -12.93
N GLU B 156 -17.95 3.03 -13.57
CA GLU B 156 -18.92 2.59 -14.55
C GLU B 156 -19.79 1.54 -13.86
N ILE B 157 -21.07 1.51 -14.19
CA ILE B 157 -22.02 0.63 -13.58
C ILE B 157 -22.35 -0.54 -14.46
N TYR B 158 -22.43 -1.74 -13.89
CA TYR B 158 -22.76 -2.93 -14.68
C TYR B 158 -23.72 -3.80 -13.92
N GLU B 159 -24.39 -4.69 -14.65
CA GLU B 159 -25.34 -5.62 -14.04
C GLU B 159 -25.22 -6.93 -14.76
N THR B 160 -25.06 -8.03 -14.00
CA THR B 160 -24.99 -9.37 -14.61
C THR B 160 -25.96 -10.30 -13.91
N THR B 161 -26.20 -11.45 -14.53
CA THR B 161 -27.13 -12.41 -13.95
C THR B 161 -26.39 -13.66 -13.53
N ARG B 162 -26.68 -14.18 -12.35
CA ARG B 162 -26.03 -15.41 -11.90
C ARG B 162 -27.15 -16.44 -11.95
N VAL B 163 -26.97 -17.43 -12.81
CA VAL B 163 -27.98 -18.45 -13.01
C VAL B 163 -27.58 -19.70 -12.28
N GLN B 164 -28.38 -20.07 -11.29
CA GLN B 164 -28.15 -21.26 -10.50
C GLN B 164 -26.78 -21.39 -9.85
N GLN B 165 -26.25 -20.26 -9.40
CA GLN B 165 -24.96 -20.22 -8.75
C GLN B 165 -25.18 -20.27 -7.24
N PRO B 166 -24.12 -20.54 -6.46
CA PRO B 166 -24.17 -20.61 -5.00
C PRO B 166 -24.43 -19.19 -4.50
N SER B 167 -25.12 -19.06 -3.38
CA SER B 167 -25.43 -17.75 -2.82
C SER B 167 -25.71 -17.93 -1.34
N ILE B 168 -25.95 -16.83 -0.63
CA ILE B 168 -26.24 -16.84 0.79
C ILE B 168 -27.58 -17.49 1.13
N GLU B 169 -28.38 -17.75 0.11
CA GLU B 169 -29.68 -18.39 0.30
C GLU B 169 -29.69 -19.73 -0.43
N GLY B 170 -28.52 -20.33 -0.62
CA GLY B 170 -28.44 -21.61 -1.33
C GLY B 170 -28.34 -21.36 -2.83
N THR B 171 -28.36 -22.43 -3.63
CA THR B 171 -28.28 -22.28 -5.08
C THR B 171 -29.40 -21.36 -5.57
N ALA B 172 -29.03 -20.40 -6.42
CA ALA B 172 -30.00 -19.43 -6.87
C ALA B 172 -29.61 -18.70 -8.13
N THR B 173 -30.59 -17.99 -8.67
CA THR B 173 -30.41 -17.16 -9.84
C THR B 173 -30.63 -15.76 -9.27
N PHE B 174 -29.65 -14.87 -9.46
CA PHE B 174 -29.75 -13.53 -8.90
C PHE B 174 -28.94 -12.56 -9.70
N GLN B 175 -29.17 -11.29 -9.43
CA GLN B 175 -28.44 -10.26 -10.15
C GLN B 175 -27.17 -9.89 -9.36
N GLN B 176 -26.14 -9.49 -10.11
CA GLN B 176 -24.85 -9.05 -9.56
C GLN B 176 -24.74 -7.59 -9.96
N TYR B 177 -24.62 -6.69 -9.00
CA TYR B 177 -24.46 -5.26 -9.35
C TYR B 177 -22.99 -4.85 -9.22
N TRP B 178 -22.51 -3.95 -10.07
CA TRP B 178 -21.14 -3.50 -10.04
C TRP B 178 -20.93 -2.03 -10.26
N SER B 179 -20.03 -1.43 -9.49
CA SER B 179 -19.55 -0.09 -9.79
C SER B 179 -18.05 -0.37 -9.94
N VAL B 180 -17.41 0.07 -11.03
CA VAL B 180 -15.97 -0.21 -11.22
C VAL B 180 -15.25 1.03 -11.54
N ARG B 181 -14.24 1.41 -10.77
CA ARG B 181 -13.56 2.67 -11.01
C ARG B 181 -12.85 2.64 -12.38
N THR B 182 -12.72 3.80 -13.01
CA THR B 182 -12.07 3.81 -14.32
C THR B 182 -10.55 3.76 -14.22
N ASP B 183 -9.98 4.17 -13.06
CA ASP B 183 -8.54 4.16 -12.79
C ASP B 183 -8.39 3.48 -11.44
N LYS B 184 -7.27 2.83 -11.23
CA LYS B 184 -7.00 2.12 -9.96
C LYS B 184 -6.70 3.05 -8.80
N ARG B 185 -7.22 2.66 -7.61
CA ARG B 185 -7.04 3.40 -6.36
C ARG B 185 -6.92 2.34 -5.27
N THR B 186 -6.07 2.62 -4.27
CA THR B 186 -5.85 1.67 -3.17
C THR B 186 -6.02 2.30 -1.81
N SER B 187 -6.56 3.51 -1.75
CA SER B 187 -6.87 4.12 -0.47
C SER B 187 -7.83 5.27 -0.62
N GLY B 188 -8.53 5.57 0.46
CA GLY B 188 -9.42 6.69 0.45
C GLY B 188 -10.72 6.30 1.09
N THR B 189 -11.74 7.04 0.74
CA THR B 189 -13.08 6.80 1.27
C THR B 189 -13.93 6.26 0.14
N ILE B 190 -14.60 5.15 0.41
CA ILE B 190 -15.61 4.64 -0.57
C ILE B 190 -16.98 4.99 0.11
N SER B 191 -17.70 5.91 -0.55
CA SER B 191 -19.03 6.35 -0.09
C SER B 191 -20.03 5.32 -0.58
N VAL B 192 -20.08 4.21 0.14
CA VAL B 192 -20.86 3.03 -0.26
C VAL B 192 -22.30 3.40 -0.57
N SER B 193 -22.92 4.20 0.29
CA SER B 193 -24.32 4.54 0.04
C SER B 193 -24.51 5.27 -1.24
N GLU B 194 -23.56 6.08 -1.67
CA GLU B 194 -23.72 6.80 -2.95
C GLU B 194 -23.81 5.79 -4.09
N HIS B 195 -23.03 4.72 -4.05
CA HIS B 195 -23.13 3.69 -5.08
C HIS B 195 -24.48 3.04 -5.00
N PHE B 196 -24.97 2.75 -3.81
CA PHE B 196 -26.30 2.08 -3.69
C PHE B 196 -27.39 2.93 -4.28
N HIS B 197 -27.35 4.20 -3.94
CA HIS B 197 -28.38 5.09 -4.51
C HIS B 197 -28.29 5.15 -6.02
N ALA B 198 -27.05 5.15 -6.57
CA ALA B 198 -26.89 5.23 -8.02
C ALA B 198 -27.38 3.97 -8.68
N TRP B 199 -27.17 2.82 -8.10
CA TRP B 199 -27.69 1.61 -8.73
C TRP B 199 -29.22 1.72 -8.77
N GLU B 200 -29.82 2.08 -7.64
CA GLU B 200 -31.30 2.15 -7.69
C GLU B 200 -31.79 3.13 -8.73
N ALA B 201 -31.10 4.25 -8.84
CA ALA B 201 -31.47 5.26 -9.84
C ALA B 201 -31.32 4.78 -11.27
N HIS B 202 -30.46 3.80 -11.50
CA HIS B 202 -30.27 3.20 -12.83
C HIS B 202 -31.17 1.98 -13.00
N GLY B 203 -32.18 1.89 -12.16
CA GLY B 203 -33.13 0.80 -12.30
C GLY B 203 -32.70 -0.56 -11.80
N MET B 204 -31.79 -0.56 -10.82
CA MET B 204 -31.25 -1.78 -10.22
C MET B 204 -31.67 -1.77 -8.76
N PRO B 205 -32.82 -2.36 -8.44
CA PRO B 205 -33.27 -2.37 -7.06
C PRO B 205 -32.46 -3.18 -6.06
N MET B 206 -32.50 -2.72 -4.84
CA MET B 206 -31.83 -3.40 -3.76
C MET B 206 -32.86 -3.80 -2.72
N GLY B 207 -32.52 -4.87 -2.04
CA GLY B 207 -33.31 -5.40 -0.95
C GLY B 207 -32.74 -4.96 0.38
N ASN B 208 -33.07 -5.70 1.43
CA ASN B 208 -32.60 -5.36 2.76
C ASN B 208 -31.15 -5.77 2.86
N MET B 209 -30.39 -4.97 3.60
CA MET B 209 -28.95 -5.27 3.68
C MET B 209 -28.60 -6.49 4.46
N TYR B 210 -27.75 -7.32 3.88
CA TYR B 210 -27.28 -8.54 4.54
C TYR B 210 -25.82 -8.39 4.98
N GLU B 211 -24.98 -7.78 4.14
CA GLU B 211 -23.55 -7.62 4.49
C GLU B 211 -22.91 -6.56 3.62
N VAL B 212 -21.85 -5.93 4.18
CA VAL B 212 -21.00 -5.01 3.44
C VAL B 212 -19.58 -5.32 3.97
N ALA B 213 -18.64 -5.53 3.09
CA ALA B 213 -17.27 -5.85 3.55
C ALA B 213 -16.23 -5.41 2.53
N LEU B 214 -15.02 -5.11 2.96
CA LEU B 214 -13.92 -4.87 2.04
C LEU B 214 -13.35 -6.28 1.71
N THR B 215 -13.17 -6.55 0.44
CA THR B 215 -12.77 -7.88 0.01
C THR B 215 -11.62 -7.81 -0.99
N VAL B 216 -10.80 -8.86 -0.91
CA VAL B 216 -9.69 -9.03 -1.84
C VAL B 216 -9.97 -10.41 -2.43
N GLU B 217 -10.05 -10.43 -3.76
CA GLU B 217 -10.33 -11.65 -4.51
C GLU B 217 -9.20 -11.96 -5.49
N GLY B 218 -8.93 -13.24 -5.67
CA GLY B 218 -7.87 -13.64 -6.58
C GLY B 218 -8.43 -14.62 -7.57
N TRP B 219 -8.00 -14.52 -8.83
CA TRP B 219 -8.50 -15.44 -9.83
C TRP B 219 -7.32 -15.96 -10.65
N GLN B 220 -7.07 -17.27 -10.52
CA GLN B 220 -5.96 -17.92 -11.20
C GLN B 220 -4.72 -17.04 -11.08
N SER B 221 -4.27 -16.75 -9.86
CA SER B 221 -3.11 -15.87 -9.68
C SER B 221 -2.47 -15.97 -8.31
N SER B 222 -1.57 -15.01 -8.07
CA SER B 222 -0.90 -14.88 -6.80
C SER B 222 -0.82 -13.42 -6.45
N GLY B 223 -0.53 -13.14 -5.19
CA GLY B 223 -0.39 -11.75 -4.80
C GLY B 223 -0.43 -11.61 -3.31
N SER B 224 -0.33 -10.36 -2.87
CA SER B 224 -0.40 -10.09 -1.49
C SER B 224 -1.20 -8.81 -1.37
N ALA B 225 -1.93 -8.70 -0.29
CA ALA B 225 -2.72 -7.54 -0.04
C ALA B 225 -2.66 -7.30 1.46
N ASP B 226 -2.13 -6.18 1.86
CA ASP B 226 -2.11 -5.86 3.26
C ASP B 226 -3.13 -4.74 3.50
N VAL B 227 -4.28 -5.16 4.05
CA VAL B 227 -5.35 -4.21 4.30
C VAL B 227 -5.03 -3.59 5.64
N TYR B 228 -4.33 -2.47 5.59
CA TYR B 228 -3.91 -1.81 6.82
C TYR B 228 -4.85 -0.83 7.41
N ARG B 229 -5.96 -0.54 6.70
CA ARG B 229 -6.98 0.36 7.21
C ARG B 229 -8.28 -0.08 6.54
N ASN B 230 -9.31 -0.25 7.34
CA ASN B 230 -10.63 -0.66 6.82
C ASN B 230 -11.61 -0.29 7.92
N ASN B 231 -12.10 0.94 7.89
CA ASN B 231 -13.04 1.45 8.90
C ASN B 231 -14.41 1.63 8.28
N LEU B 232 -15.37 0.77 8.67
CA LEU B 232 -16.75 0.87 8.16
C LEU B 232 -17.58 1.64 9.15
N THR B 233 -18.19 2.72 8.70
CA THR B 233 -19.05 3.48 9.58
C THR B 233 -20.43 3.63 8.98
N ILE B 234 -21.44 3.80 9.84
CA ILE B 234 -22.81 4.05 9.39
C ILE B 234 -23.30 5.30 10.18
N GLY B 235 -23.73 6.33 9.47
CA GLY B 235 -24.19 7.52 10.14
C GLY B 235 -23.02 8.23 10.81
N GLY B 236 -21.81 7.80 10.50
CA GLY B 236 -20.62 8.40 11.08
C GLY B 236 -20.15 7.59 12.28
N LEU B 237 -21.02 6.70 12.73
CA LEU B 237 -20.79 5.85 13.87
C LEU B 237 -20.29 4.46 13.49
N GLU B 238 -19.47 3.87 14.35
CA GLU B 238 -18.97 2.54 14.12
C GLU B 238 -20.20 1.65 14.29
N HIS B 239 -20.22 0.49 13.63
CA HIS B 239 -21.35 -0.45 13.73
C HIS B 239 -21.05 -1.47 14.83
N HIS B 240 -22.00 -1.64 15.73
CA HIS B 240 -21.82 -2.54 16.84
C HIS B 240 -22.65 -3.80 16.68
#